data_6RNK
#
_entry.id   6RNK
#
_cell.length_a   76.830
_cell.length_b   150.930
_cell.length_c   68.230
_cell.angle_alpha   90.000
_cell.angle_beta   112.420
_cell.angle_gamma   90.000
#
_symmetry.space_group_name_H-M   'C 1 2 1'
#
loop_
_entity.id
_entity.type
_entity.pdbx_description
1 polymer 'Succinate receptor 1'
2 polymer Nanobody6
3 non-polymer '2-[2-[[3-[4-[(4-methylpiperazin-1-yl)methyl]phenyl]phenyl]carbonylamino]phenyl]ethanoic acid'
4 non-polymer '(2R)-2,3-dihydroxypropyl (9Z)-octadec-9-enoate'
5 non-polymer GLYCEROL
6 non-polymer 'SULFATE ION'
7 water water
#
loop_
_entity_poly.entity_id
_entity_poly.type
_entity_poly.pdbx_seq_one_letter_code
_entity_poly.pdbx_strand_id
1 'polypeptide(L)'
;DYKDDDDKAQNLSCENWLALENILEKYYLSAFYGIEFIVGMLGNFTVVFGYLFCMKNWNSSNVYLFNLSISDLAFLCTLP
MLIRSYATGNWTYGDVLCISNRYVLHANLYTSILFLTFISIDRYLLMKFPFREHILQKKEFAILISLAVWVLVTLEVLPM
LTFITSTPIEKGDSCVDYASSGNPKYSLIYSLCLTLLGFLIPLSVMCFFYYKMVVFLKKRSQQQATVLSLNKPLRLVVLA
VVIFSVLFTPYHIMRNVRIASRLDSWPQGCSQKAINCLYILTRPLAFLNSAVNPIFYFLVGDHFRDMLFSKLRQYFKSLT
SFRLLEVLFQGPHHHHHHHHHH
;
A
2 'polypeptide(L)'
;DYKDDDDKEVQLVESGGGLVQPGGSLRLSCEASGYTLANYAIGWFRQAPGKEREGVSCISSGGSTVYSESVKDRFTISRD
NAKKIVYLQMNSLQPEDTAVYYCAADPFGERLCIDPNTFAGYLETWGQGTQVTVSSLEVLFQ
;
B
#
# COMPACT_ATOMS: atom_id res chain seq x y z
N CYS A 14 -29.58 -30.03 21.00
CA CYS A 14 -28.60 -28.94 21.08
C CYS A 14 -29.30 -27.57 21.01
N GLU A 15 -30.46 -27.44 21.67
CA GLU A 15 -31.29 -26.23 21.71
C GLU A 15 -30.53 -25.03 22.33
N ASN A 16 -29.61 -25.31 23.28
CA ASN A 16 -28.80 -24.29 23.96
C ASN A 16 -27.81 -23.65 22.99
N TRP A 17 -27.17 -24.49 22.15
CA TRP A 17 -26.21 -24.03 21.15
C TRP A 17 -26.91 -23.30 20.00
N LEU A 18 -28.18 -23.64 19.72
CA LEU A 18 -29.01 -22.96 18.73
C LEU A 18 -29.37 -21.56 19.25
N ALA A 19 -29.62 -21.45 20.57
CA ALA A 19 -29.89 -20.16 21.22
C ALA A 19 -28.64 -19.26 21.09
N LEU A 20 -27.42 -19.83 21.31
CA LEU A 20 -26.15 -19.10 21.18
C LEU A 20 -25.95 -18.63 19.74
N GLU A 21 -26.15 -19.54 18.74
CA GLU A 21 -26.02 -19.21 17.31
C GLU A 21 -26.89 -18.00 16.97
N ASN A 22 -28.17 -18.03 17.39
CA ASN A 22 -29.14 -16.99 17.14
C ASN A 22 -28.75 -15.66 17.77
N ILE A 23 -28.31 -15.69 19.04
CA ILE A 23 -27.84 -14.51 19.76
C ILE A 23 -26.57 -13.93 19.12
N LEU A 24 -25.58 -14.80 18.77
CA LEU A 24 -24.35 -14.36 18.12
C LEU A 24 -24.62 -13.64 16.81
N GLU A 25 -25.58 -14.17 16.03
CA GLU A 25 -25.91 -13.57 14.73
C GLU A 25 -26.65 -12.26 14.91
N LYS A 26 -27.69 -12.26 15.78
CA LYS A 26 -28.55 -11.12 16.00
C LYS A 26 -27.85 -9.95 16.71
N TYR A 27 -27.04 -10.25 17.74
CA TYR A 27 -26.42 -9.23 18.58
C TYR A 27 -24.93 -9.04 18.38
N TYR A 28 -24.14 -10.13 18.41
CA TYR A 28 -22.69 -9.97 18.22
C TYR A 28 -22.32 -9.49 16.81
N LEU A 29 -22.84 -10.15 15.75
CA LEU A 29 -22.51 -9.78 14.36
C LEU A 29 -23.00 -8.39 14.01
N SER A 30 -24.26 -8.06 14.41
CA SER A 30 -24.87 -6.74 14.22
C SER A 30 -24.04 -5.62 14.79
N ALA A 31 -23.62 -5.77 16.06
CA ALA A 31 -22.84 -4.76 16.78
C ALA A 31 -21.44 -4.61 16.21
N PHE A 32 -20.72 -5.74 16.02
CA PHE A 32 -19.36 -5.76 15.47
C PHE A 32 -19.31 -5.21 14.04
N TYR A 33 -20.22 -5.66 13.13
CA TYR A 33 -20.25 -5.11 11.78
C TYR A 33 -20.73 -3.64 11.78
N GLY A 34 -21.63 -3.27 12.69
CA GLY A 34 -22.11 -1.91 12.85
C GLY A 34 -20.99 -0.92 13.16
N ILE A 35 -20.07 -1.31 14.08
CA ILE A 35 -18.87 -0.54 14.48
C ILE A 35 -17.88 -0.46 13.30
N GLU A 36 -17.66 -1.58 12.60
CA GLU A 36 -16.79 -1.63 11.44
C GLU A 36 -17.32 -0.74 10.33
N PHE A 37 -18.66 -0.70 10.13
CA PHE A 37 -19.30 0.15 9.15
C PHE A 37 -18.98 1.60 9.45
N ILE A 38 -19.16 2.05 10.70
CA ILE A 38 -18.91 3.45 11.10
C ILE A 38 -17.40 3.83 10.98
N VAL A 39 -16.51 3.09 11.65
CA VAL A 39 -15.06 3.32 11.66
C VAL A 39 -14.47 3.22 10.24
N GLY A 40 -14.89 2.20 9.51
CA GLY A 40 -14.42 1.96 8.15
C GLY A 40 -14.82 3.05 7.18
N MET A 41 -16.09 3.48 7.20
CA MET A 41 -16.58 4.53 6.29
C MET A 41 -15.85 5.84 6.53
N LEU A 42 -15.74 6.28 7.80
CA LEU A 42 -15.08 7.53 8.15
C LEU A 42 -13.59 7.50 7.83
N GLY A 43 -12.93 6.39 8.15
CA GLY A 43 -11.51 6.24 7.87
C GLY A 43 -11.21 6.21 6.38
N ASN A 44 -11.95 5.38 5.62
CA ASN A 44 -11.74 5.24 4.19
C ASN A 44 -12.11 6.47 3.40
N PHE A 45 -13.23 7.16 3.74
CA PHE A 45 -13.60 8.38 3.01
C PHE A 45 -12.59 9.50 3.25
N THR A 46 -11.98 9.57 4.47
CA THR A 46 -10.94 10.57 4.81
C THR A 46 -9.67 10.39 3.95
N VAL A 47 -9.16 9.15 3.83
CA VAL A 47 -7.94 8.86 3.07
C VAL A 47 -8.18 8.97 1.54
N VAL A 48 -9.39 8.57 1.07
CA VAL A 48 -9.79 8.66 -0.34
C VAL A 48 -9.89 10.12 -0.75
N PHE A 49 -10.61 10.95 0.04
CA PHE A 49 -10.72 12.37 -0.26
C PHE A 49 -9.37 13.07 -0.13
N GLY A 50 -8.53 12.59 0.80
CA GLY A 50 -7.17 13.06 1.00
C GLY A 50 -6.34 12.86 -0.26
N TYR A 51 -6.49 11.69 -0.92
CA TYR A 51 -5.79 11.40 -2.17
C TYR A 51 -6.36 12.19 -3.33
N LEU A 52 -7.69 12.22 -3.46
CA LEU A 52 -8.38 12.95 -4.52
C LEU A 52 -8.07 14.46 -4.52
N PHE A 53 -7.83 15.05 -3.32
CA PHE A 53 -7.55 16.48 -3.17
C PHE A 53 -6.08 16.90 -2.83
N CYS A 54 -5.21 15.99 -2.32
CA CYS A 54 -3.82 16.36 -1.95
C CYS A 54 -2.75 15.77 -2.85
N MET A 55 -2.91 14.50 -3.27
CA MET A 55 -1.91 13.82 -4.09
C MET A 55 -2.01 14.19 -5.57
N LYS A 56 -0.93 14.73 -6.14
CA LYS A 56 -0.91 15.10 -7.56
C LYS A 56 -0.13 14.09 -8.44
N ASN A 57 1.02 13.56 -7.96
CA ASN A 57 1.83 12.60 -8.71
C ASN A 57 1.95 11.28 -7.93
N TRP A 58 1.18 10.27 -8.32
CA TRP A 58 1.12 9.00 -7.60
C TRP A 58 2.27 8.07 -7.88
N ASN A 59 2.73 7.36 -6.85
CA ASN A 59 3.72 6.32 -7.06
C ASN A 59 2.97 4.95 -6.92
N SER A 60 3.71 3.82 -6.94
CA SER A 60 3.18 2.46 -6.80
C SER A 60 2.43 2.25 -5.51
N SER A 61 3.03 2.66 -4.37
CA SER A 61 2.41 2.57 -3.04
C SER A 61 1.08 3.32 -3.00
N ASN A 62 0.98 4.52 -3.61
CA ASN A 62 -0.27 5.29 -3.64
C ASN A 62 -1.33 4.54 -4.41
N VAL A 63 -0.97 3.99 -5.57
CA VAL A 63 -1.89 3.19 -6.40
C VAL A 63 -2.46 2.00 -5.59
N TYR A 64 -1.59 1.24 -4.89
CA TYR A 64 -1.99 0.09 -4.10
C TYR A 64 -2.87 0.50 -2.94
N LEU A 65 -2.52 1.61 -2.25
CA LEU A 65 -3.30 2.10 -1.12
C LEU A 65 -4.70 2.52 -1.55
N PHE A 66 -4.82 3.20 -2.70
CA PHE A 66 -6.11 3.66 -3.20
C PHE A 66 -6.99 2.45 -3.54
N ASN A 67 -6.40 1.43 -4.18
CA ASN A 67 -7.10 0.17 -4.48
C ASN A 67 -7.57 -0.52 -3.20
N LEU A 68 -6.72 -0.54 -2.16
CA LEU A 68 -7.06 -1.10 -0.86
C LEU A 68 -8.33 -0.40 -0.29
N SER A 69 -8.42 0.95 -0.44
CA SER A 69 -9.59 1.70 0.03
C SER A 69 -10.83 1.38 -0.78
N ILE A 70 -10.70 1.20 -2.10
CA ILE A 70 -11.83 0.83 -2.96
C ILE A 70 -12.38 -0.57 -2.55
N SER A 71 -11.48 -1.52 -2.25
CA SER A 71 -11.79 -2.86 -1.77
C SER A 71 -12.52 -2.72 -0.42
N ASP A 72 -11.97 -1.92 0.53
CA ASP A 72 -12.60 -1.73 1.83
C ASP A 72 -14.00 -1.12 1.64
N LEU A 73 -14.13 -0.09 0.80
CA LEU A 73 -15.42 0.58 0.62
C LEU A 73 -16.50 -0.33 0.03
N ALA A 74 -16.12 -1.23 -0.90
CA ALA A 74 -17.03 -2.19 -1.50
C ALA A 74 -17.60 -3.09 -0.39
N PHE A 75 -16.73 -3.60 0.51
CA PHE A 75 -17.13 -4.40 1.66
C PHE A 75 -18.04 -3.60 2.61
N LEU A 76 -17.67 -2.35 2.92
CA LEU A 76 -18.44 -1.51 3.85
C LEU A 76 -19.86 -1.21 3.36
N CYS A 77 -20.03 -1.14 2.03
CA CYS A 77 -21.33 -0.94 1.38
C CYS A 77 -22.27 -2.14 1.52
N THR A 78 -21.74 -3.37 1.78
CA THR A 78 -22.57 -4.58 1.95
C THR A 78 -23.09 -4.69 3.36
N LEU A 79 -22.42 -4.04 4.36
CA LEU A 79 -22.77 -4.21 5.78
C LEU A 79 -24.21 -3.83 6.14
N PRO A 80 -24.86 -2.75 5.65
CA PRO A 80 -26.28 -2.56 6.03
C PRO A 80 -27.16 -3.78 5.68
N MET A 81 -26.93 -4.43 4.53
CA MET A 81 -27.63 -5.63 4.10
C MET A 81 -27.31 -6.84 4.98
N LEU A 82 -26.02 -7.07 5.30
CA LEU A 82 -25.61 -8.19 6.13
C LEU A 82 -26.11 -8.04 7.57
N ILE A 83 -26.01 -6.82 8.15
CA ILE A 83 -26.50 -6.52 9.50
C ILE A 83 -28.03 -6.77 9.53
N ARG A 84 -28.79 -6.21 8.55
CA ARG A 84 -30.24 -6.42 8.52
C ARG A 84 -30.61 -7.91 8.40
N SER A 85 -29.85 -8.70 7.62
CA SER A 85 -30.13 -10.14 7.47
C SER A 85 -29.88 -10.89 8.79
N TYR A 86 -28.72 -10.66 9.45
CA TYR A 86 -28.44 -11.25 10.76
C TYR A 86 -29.40 -10.78 11.85
N ALA A 87 -29.75 -9.48 11.87
CA ALA A 87 -30.69 -8.94 12.85
C ALA A 87 -32.09 -9.56 12.74
N THR A 88 -32.58 -9.82 11.51
CA THR A 88 -33.93 -10.38 11.26
C THR A 88 -33.97 -11.93 11.19
N GLY A 89 -32.82 -12.58 11.02
CA GLY A 89 -32.77 -14.04 11.00
C GLY A 89 -32.97 -14.70 9.65
N ASN A 90 -32.96 -13.92 8.54
CA ASN A 90 -33.13 -14.50 7.20
C ASN A 90 -32.55 -13.65 6.08
N TRP A 91 -32.34 -14.25 4.92
CA TRP A 91 -31.87 -13.56 3.72
C TRP A 91 -33.13 -13.21 2.95
N THR A 92 -33.34 -11.94 2.61
CA THR A 92 -34.55 -11.54 1.89
C THR A 92 -34.23 -10.73 0.65
N TYR A 93 -32.93 -10.48 0.37
CA TYR A 93 -32.53 -9.57 -0.71
C TYR A 93 -32.51 -10.18 -2.10
N GLY A 94 -32.65 -11.49 -2.23
CA GLY A 94 -32.72 -12.10 -3.55
C GLY A 94 -31.41 -12.65 -4.09
N ASP A 95 -31.48 -13.23 -5.30
CA ASP A 95 -30.34 -13.90 -5.92
C ASP A 95 -29.21 -13.01 -6.38
N VAL A 96 -29.48 -11.87 -7.04
CA VAL A 96 -28.45 -10.95 -7.56
C VAL A 96 -27.58 -10.42 -6.42
N LEU A 97 -28.23 -9.95 -5.33
CA LEU A 97 -27.56 -9.41 -4.16
C LEU A 97 -26.85 -10.49 -3.34
N CYS A 98 -27.28 -11.76 -3.43
CA CYS A 98 -26.59 -12.87 -2.79
C CYS A 98 -25.22 -13.03 -3.46
N ILE A 99 -25.18 -13.11 -4.80
CA ILE A 99 -23.96 -13.31 -5.56
C ILE A 99 -23.01 -12.11 -5.39
N SER A 100 -23.54 -10.86 -5.55
CA SER A 100 -22.72 -9.66 -5.42
C SER A 100 -22.13 -9.52 -4.02
N ASN A 101 -22.92 -9.79 -2.94
CA ASN A 101 -22.40 -9.73 -1.57
C ASN A 101 -21.40 -10.84 -1.30
N ARG A 102 -21.69 -12.09 -1.75
CA ARG A 102 -20.75 -13.19 -1.54
C ARG A 102 -19.42 -12.88 -2.24
N TYR A 103 -19.49 -12.27 -3.42
CA TYR A 103 -18.30 -11.89 -4.18
C TYR A 103 -17.46 -10.90 -3.39
N VAL A 104 -18.08 -9.77 -3.03
CA VAL A 104 -17.42 -8.64 -2.37
C VAL A 104 -16.73 -9.03 -1.05
N LEU A 105 -17.37 -9.89 -0.24
CA LEU A 105 -16.81 -10.30 1.05
C LEU A 105 -15.53 -11.09 0.89
N HIS A 106 -15.52 -12.10 0.03
CA HIS A 106 -14.28 -12.84 -0.24
C HIS A 106 -13.28 -11.94 -0.99
N ALA A 107 -13.74 -11.14 -1.98
CA ALA A 107 -12.81 -10.30 -2.76
C ALA A 107 -12.09 -9.29 -1.86
N ASN A 108 -12.82 -8.67 -0.93
CA ASN A 108 -12.18 -7.71 -0.03
C ASN A 108 -11.10 -8.35 0.84
N LEU A 109 -11.36 -9.54 1.34
CA LEU A 109 -10.45 -10.25 2.21
C LEU A 109 -9.11 -10.57 1.51
N TYR A 110 -9.18 -11.16 0.29
CA TYR A 110 -8.01 -11.61 -0.44
C TYR A 110 -7.33 -10.51 -1.27
N THR A 111 -8.05 -9.45 -1.74
CA THR A 111 -7.38 -8.32 -2.40
C THR A 111 -6.61 -7.49 -1.35
N SER A 112 -7.18 -7.37 -0.12
CA SER A 112 -6.54 -6.54 0.91
C SER A 112 -5.15 -7.03 1.29
N ILE A 113 -4.99 -8.34 1.56
CA ILE A 113 -3.67 -8.84 1.91
C ILE A 113 -2.71 -8.71 0.70
N LEU A 114 -3.21 -8.89 -0.53
CA LEU A 114 -2.38 -8.77 -1.76
C LEU A 114 -1.91 -7.34 -2.00
N PHE A 115 -2.80 -6.36 -1.82
CA PHE A 115 -2.35 -4.97 -1.95
C PHE A 115 -1.26 -4.65 -0.94
N LEU A 116 -1.34 -5.21 0.30
CA LEU A 116 -0.34 -4.98 1.33
C LEU A 116 0.95 -5.72 1.02
N THR A 117 0.85 -6.86 0.38
CA THR A 117 2.02 -7.62 -0.06
C THR A 117 2.78 -6.82 -1.13
N PHE A 118 2.07 -6.25 -2.12
CA PHE A 118 2.72 -5.49 -3.18
C PHE A 118 3.28 -4.15 -2.65
N ILE A 119 2.61 -3.52 -1.65
CA ILE A 119 3.13 -2.29 -1.01
C ILE A 119 4.48 -2.66 -0.33
N SER A 120 4.52 -3.79 0.41
CA SER A 120 5.73 -4.27 1.09
C SER A 120 6.89 -4.47 0.10
N ILE A 121 6.62 -5.07 -1.09
CA ILE A 121 7.65 -5.29 -2.11
C ILE A 121 8.12 -3.93 -2.63
N ASP A 122 7.18 -2.99 -2.82
CA ASP A 122 7.48 -1.64 -3.25
C ASP A 122 8.40 -0.93 -2.26
N ARG A 123 8.15 -1.07 -0.93
CA ARG A 123 8.96 -0.43 0.11
C ARG A 123 10.37 -1.03 0.09
N TYR A 124 10.48 -2.35 -0.16
CA TYR A 124 11.79 -3.01 -0.27
C TYR A 124 12.57 -2.50 -1.49
N LEU A 125 11.92 -2.41 -2.66
CA LEU A 125 12.62 -1.95 -3.87
C LEU A 125 13.05 -0.49 -3.73
N LEU A 126 12.25 0.31 -3.04
CA LEU A 126 12.50 1.72 -2.81
C LEU A 126 13.67 1.94 -1.87
N MET A 127 13.86 1.02 -0.92
CA MET A 127 14.97 1.04 0.03
C MET A 127 16.29 0.80 -0.74
N LYS A 128 16.27 -0.07 -1.76
CA LYS A 128 17.44 -0.39 -2.56
C LYS A 128 17.65 0.62 -3.70
N PHE A 129 16.54 1.08 -4.33
CA PHE A 129 16.54 1.96 -5.50
C PHE A 129 15.60 3.13 -5.25
N PRO A 130 16.06 4.13 -4.48
CA PRO A 130 15.17 5.27 -4.13
C PRO A 130 14.60 6.05 -5.31
N PHE A 131 15.31 6.06 -6.45
CA PHE A 131 14.96 6.82 -7.65
C PHE A 131 14.00 6.10 -8.60
N ARG A 132 13.52 4.88 -8.22
CA ARG A 132 12.50 4.10 -8.96
C ARG A 132 12.85 3.89 -10.44
N GLU A 133 14.10 3.56 -10.76
CA GLU A 133 14.46 3.35 -12.16
C GLU A 133 13.92 2.06 -12.74
N HIS A 134 13.66 1.06 -11.89
CA HIS A 134 13.19 -0.23 -12.40
C HIS A 134 11.75 -0.16 -12.89
N ILE A 135 11.44 -0.95 -13.93
CA ILE A 135 10.10 -1.10 -14.49
C ILE A 135 9.12 -1.47 -13.36
N LEU A 136 9.51 -2.43 -12.46
CA LEU A 136 8.69 -2.89 -11.33
C LEU A 136 8.30 -1.75 -10.36
N GLN A 137 8.99 -0.58 -10.42
CA GLN A 137 8.78 0.57 -9.51
C GLN A 137 7.96 1.67 -10.18
N LYS A 138 7.58 1.46 -11.46
CA LYS A 138 6.79 2.47 -12.17
C LYS A 138 5.33 2.49 -11.78
N LYS A 139 4.72 3.71 -11.78
CA LYS A 139 3.30 3.90 -11.49
C LYS A 139 2.43 3.04 -12.40
N GLU A 140 2.73 3.04 -13.73
CA GLU A 140 1.99 2.26 -14.74
C GLU A 140 2.05 0.75 -14.49
N PHE A 141 3.17 0.26 -13.98
CA PHE A 141 3.32 -1.15 -13.63
C PHE A 141 2.45 -1.49 -12.40
N ALA A 142 2.35 -0.55 -11.41
CA ALA A 142 1.52 -0.74 -10.22
C ALA A 142 0.05 -0.80 -10.61
N ILE A 143 -0.34 -0.04 -11.66
CA ILE A 143 -1.72 -0.08 -12.17
C ILE A 143 -1.97 -1.48 -12.76
N LEU A 144 -1.00 -2.01 -13.55
CA LEU A 144 -1.07 -3.35 -14.14
C LEU A 144 -1.20 -4.42 -13.05
N ILE A 145 -0.35 -4.35 -12.01
CA ILE A 145 -0.38 -5.27 -10.86
C ILE A 145 -1.74 -5.19 -10.10
N SER A 146 -2.29 -3.97 -9.94
CA SER A 146 -3.57 -3.78 -9.25
C SER A 146 -4.67 -4.47 -10.02
N LEU A 147 -4.68 -4.30 -11.34
CA LEU A 147 -5.63 -4.96 -12.21
C LEU A 147 -5.42 -6.52 -12.10
N ALA A 148 -4.16 -7.00 -12.07
CA ALA A 148 -3.85 -8.43 -11.91
C ALA A 148 -4.40 -8.96 -10.56
N VAL A 149 -4.27 -8.17 -9.47
CA VAL A 149 -4.79 -8.51 -8.15
C VAL A 149 -6.33 -8.69 -8.22
N TRP A 150 -7.06 -7.73 -8.81
CA TRP A 150 -8.51 -7.84 -8.96
C TRP A 150 -8.92 -9.06 -9.80
N VAL A 151 -8.18 -9.37 -10.86
CA VAL A 151 -8.50 -10.50 -11.73
C VAL A 151 -8.22 -11.82 -10.97
N LEU A 152 -7.02 -11.95 -10.37
CA LEU A 152 -6.63 -13.15 -9.64
C LEU A 152 -7.66 -13.48 -8.54
N VAL A 153 -8.05 -12.46 -7.74
CA VAL A 153 -8.96 -12.64 -6.61
C VAL A 153 -10.34 -12.97 -7.11
N THR A 154 -10.79 -12.31 -8.21
CA THR A 154 -12.08 -12.64 -8.81
C THR A 154 -12.08 -14.14 -9.18
N LEU A 155 -10.96 -14.64 -9.73
CA LEU A 155 -10.83 -16.04 -10.11
C LEU A 155 -10.78 -16.97 -8.89
N GLU A 156 -10.12 -16.56 -7.80
CA GLU A 156 -10.05 -17.39 -6.59
C GLU A 156 -11.44 -17.63 -5.96
N VAL A 157 -12.33 -16.65 -6.14
CA VAL A 157 -13.68 -16.54 -5.57
C VAL A 157 -14.76 -17.19 -6.49
N LEU A 158 -14.49 -17.27 -7.80
CA LEU A 158 -15.38 -17.85 -8.80
C LEU A 158 -15.86 -19.31 -8.52
N PRO A 159 -15.06 -20.26 -7.98
CA PRO A 159 -15.65 -21.58 -7.65
C PRO A 159 -16.75 -21.48 -6.59
N MET A 160 -16.62 -20.54 -5.63
CA MET A 160 -17.65 -20.35 -4.62
C MET A 160 -18.93 -19.83 -5.27
N LEU A 161 -18.81 -18.88 -6.21
CA LEU A 161 -19.95 -18.33 -6.92
C LEU A 161 -20.63 -19.39 -7.79
N THR A 162 -19.83 -20.26 -8.44
CA THR A 162 -20.33 -21.37 -9.26
C THR A 162 -21.18 -22.28 -8.38
N PHE A 163 -20.66 -22.65 -7.21
CA PHE A 163 -21.41 -23.46 -6.25
C PHE A 163 -22.72 -22.74 -5.84
N ILE A 164 -22.66 -21.44 -5.53
CA ILE A 164 -23.86 -20.68 -5.12
C ILE A 164 -24.94 -20.72 -6.23
N THR A 165 -24.54 -20.53 -7.50
CA THR A 165 -25.50 -20.58 -8.63
C THR A 165 -26.16 -21.95 -8.77
N SER A 166 -25.51 -23.02 -8.24
CA SER A 166 -26.09 -24.38 -8.26
C SER A 166 -27.14 -24.53 -7.13
N THR A 167 -27.10 -23.69 -6.09
CA THR A 167 -28.07 -23.74 -4.98
C THR A 167 -29.37 -23.00 -5.41
N PRO A 168 -30.55 -23.19 -4.74
CA PRO A 168 -31.78 -22.53 -5.23
C PRO A 168 -31.92 -21.04 -4.87
N ILE A 169 -30.94 -20.21 -5.32
CA ILE A 169 -30.92 -18.76 -5.04
C ILE A 169 -32.10 -18.00 -5.65
N GLU A 170 -32.72 -18.56 -6.72
CA GLU A 170 -33.89 -18.01 -7.42
C GLU A 170 -35.06 -17.89 -6.45
N LYS A 171 -35.08 -18.71 -5.39
CA LYS A 171 -36.10 -18.70 -4.32
C LYS A 171 -36.14 -17.36 -3.56
N GLY A 172 -35.09 -16.56 -3.70
CA GLY A 172 -35.01 -15.23 -3.12
C GLY A 172 -34.63 -15.14 -1.65
N ASP A 173 -34.74 -16.23 -0.91
CA ASP A 173 -34.41 -16.23 0.52
C ASP A 173 -33.31 -17.26 0.84
N SER A 174 -32.48 -17.56 -0.16
CA SER A 174 -31.42 -18.53 -0.01
C SER A 174 -30.12 -17.90 -0.44
N CYS A 175 -29.14 -17.94 0.46
CA CYS A 175 -27.79 -17.43 0.19
C CYS A 175 -26.83 -18.15 1.11
N VAL A 176 -26.41 -19.33 0.69
CA VAL A 176 -25.63 -20.22 1.52
C VAL A 176 -24.14 -19.92 1.59
N ASP A 177 -23.57 -20.39 2.70
CA ASP A 177 -22.15 -20.35 3.00
C ASP A 177 -21.59 -21.75 2.67
N TYR A 178 -20.60 -21.83 1.76
CA TYR A 178 -19.95 -23.11 1.39
C TYR A 178 -19.33 -23.79 2.62
N ALA A 179 -18.96 -23.01 3.68
CA ALA A 179 -18.38 -23.59 4.90
C ALA A 179 -19.41 -24.47 5.63
N SER A 180 -20.69 -24.07 5.55
CA SER A 180 -21.82 -24.73 6.20
C SER A 180 -22.69 -25.59 5.28
N SER A 181 -22.62 -25.39 3.95
CA SER A 181 -23.49 -26.08 2.97
C SER A 181 -22.72 -26.64 1.79
N GLY A 182 -23.29 -27.65 1.16
CA GLY A 182 -22.64 -28.29 0.02
C GLY A 182 -21.62 -29.34 0.45
N ASN A 183 -21.15 -30.13 -0.52
CA ASN A 183 -20.21 -31.22 -0.33
C ASN A 183 -18.98 -30.82 0.54
N PRO A 184 -18.87 -31.37 1.79
CA PRO A 184 -17.71 -31.01 2.65
C PRO A 184 -16.34 -31.34 2.09
N LYS A 185 -16.23 -32.41 1.31
CA LYS A 185 -14.99 -32.83 0.66
C LYS A 185 -14.50 -31.73 -0.31
N TYR A 186 -15.38 -31.23 -1.18
CA TYR A 186 -15.03 -30.19 -2.14
C TYR A 186 -14.85 -28.85 -1.48
N SER A 187 -15.71 -28.51 -0.49
CA SER A 187 -15.57 -27.25 0.26
C SER A 187 -14.23 -27.17 1.01
N LEU A 188 -13.74 -28.30 1.57
CA LEU A 188 -12.47 -28.37 2.31
C LEU A 188 -11.28 -28.18 1.39
N ILE A 189 -11.30 -28.83 0.20
CA ILE A 189 -10.21 -28.71 -0.79
C ILE A 189 -10.12 -27.26 -1.20
N TYR A 190 -11.27 -26.64 -1.51
CA TYR A 190 -11.34 -25.26 -1.93
C TYR A 190 -10.90 -24.30 -0.81
N SER A 191 -11.43 -24.50 0.42
CA SER A 191 -11.11 -23.66 1.57
C SER A 191 -9.63 -23.72 1.94
N LEU A 192 -9.02 -24.93 1.91
CA LEU A 192 -7.60 -25.11 2.22
C LEU A 192 -6.70 -24.50 1.13
N CYS A 193 -7.07 -24.65 -0.17
CA CYS A 193 -6.28 -24.06 -1.27
C CYS A 193 -6.35 -22.54 -1.22
N LEU A 194 -7.53 -21.99 -0.86
CA LEU A 194 -7.78 -20.57 -0.72
C LEU A 194 -7.05 -20.02 0.51
N THR A 195 -6.93 -20.83 1.59
CA THR A 195 -6.16 -20.45 2.78
C THR A 195 -4.67 -20.34 2.37
N LEU A 196 -4.19 -21.31 1.59
CA LEU A 196 -2.82 -21.35 1.13
C LEU A 196 -2.51 -20.17 0.18
N LEU A 197 -3.23 -20.06 -0.94
CA LEU A 197 -2.99 -19.05 -1.97
C LEU A 197 -3.44 -17.65 -1.58
N GLY A 198 -4.54 -17.56 -0.86
CA GLY A 198 -5.10 -16.26 -0.51
C GLY A 198 -4.51 -15.66 0.74
N PHE A 199 -4.12 -16.49 1.69
CA PHE A 199 -3.63 -16.01 2.97
C PHE A 199 -2.16 -16.34 3.27
N LEU A 200 -1.83 -17.63 3.44
CA LEU A 200 -0.50 -18.05 3.88
C LEU A 200 0.62 -17.66 2.96
N ILE A 201 0.40 -17.69 1.63
CA ILE A 201 1.43 -17.34 0.64
C ILE A 201 1.69 -15.83 0.68
N PRO A 202 0.70 -14.91 0.51
CA PRO A 202 1.00 -13.48 0.63
C PRO A 202 1.63 -13.11 2.00
N LEU A 203 1.22 -13.77 3.12
CA LEU A 203 1.78 -13.51 4.44
C LEU A 203 3.27 -13.89 4.46
N SER A 204 3.60 -15.06 3.86
CA SER A 204 4.97 -15.61 3.75
C SER A 204 5.85 -14.70 2.89
N VAL A 205 5.30 -14.14 1.80
CA VAL A 205 6.01 -13.24 0.92
C VAL A 205 6.37 -11.94 1.70
N MET A 206 5.42 -11.38 2.49
CA MET A 206 5.70 -10.19 3.33
C MET A 206 6.78 -10.51 4.39
N CYS A 207 6.74 -11.71 4.98
CA CYS A 207 7.74 -12.19 5.94
C CYS A 207 9.10 -12.26 5.28
N PHE A 208 9.17 -12.75 4.02
CA PHE A 208 10.41 -12.88 3.24
C PHE A 208 10.99 -11.49 2.95
N PHE A 209 10.13 -10.54 2.56
CA PHE A 209 10.61 -9.20 2.24
C PHE A 209 10.95 -8.41 3.52
N TYR A 210 10.34 -8.74 4.67
CA TYR A 210 10.75 -8.08 5.92
C TYR A 210 12.21 -8.53 6.18
N TYR A 211 12.48 -9.85 6.08
CA TYR A 211 13.78 -10.46 6.26
C TYR A 211 14.83 -9.88 5.29
N LYS A 212 14.45 -9.67 4.00
CA LYS A 212 15.36 -9.10 2.98
C LYS A 212 15.71 -7.67 3.36
N MET A 213 14.74 -6.93 3.92
CA MET A 213 14.89 -5.55 4.38
C MET A 213 15.86 -5.48 5.54
N VAL A 214 15.68 -6.34 6.58
CA VAL A 214 16.54 -6.45 7.76
C VAL A 214 17.99 -6.70 7.36
N VAL A 215 18.21 -7.67 6.45
CA VAL A 215 19.54 -8.03 5.94
C VAL A 215 20.20 -6.84 5.21
N PHE A 216 19.44 -6.15 4.31
CA PHE A 216 19.94 -5.00 3.56
C PHE A 216 20.42 -3.89 4.49
N LEU A 217 19.63 -3.57 5.52
CA LEU A 217 19.94 -2.53 6.50
C LEU A 217 21.13 -2.87 7.41
N LYS A 218 21.36 -4.17 7.69
CA LYS A 218 22.47 -4.65 8.51
C LYS A 218 23.79 -4.46 7.76
N LYS A 219 23.76 -4.69 6.43
CA LYS A 219 24.89 -4.53 5.51
C LYS A 219 25.25 -3.03 5.42
N ARG A 220 24.23 -2.17 5.21
CA ARG A 220 24.37 -0.72 5.08
C ARG A 220 24.79 -0.01 6.39
N SER A 221 24.60 -0.68 7.55
CA SER A 221 24.96 -0.14 8.87
C SER A 221 26.45 -0.27 9.16
N ASN A 231 13.09 1.46 11.96
CA ASN A 231 13.04 2.12 10.66
C ASN A 231 11.64 2.05 10.05
N LYS A 232 11.28 3.06 9.22
CA LYS A 232 9.97 3.20 8.56
C LYS A 232 9.63 2.06 7.60
N PRO A 233 10.54 1.61 6.69
CA PRO A 233 10.16 0.51 5.77
C PRO A 233 9.79 -0.74 6.54
N LEU A 234 10.49 -0.96 7.66
CA LEU A 234 10.24 -2.10 8.53
C LEU A 234 8.90 -1.96 9.23
N ARG A 235 8.48 -0.72 9.55
CA ARG A 235 7.25 -0.43 10.30
C ARG A 235 5.99 -0.86 9.55
N LEU A 236 5.85 -0.48 8.26
CA LEU A 236 4.70 -0.85 7.44
C LEU A 236 4.57 -2.38 7.32
N VAL A 237 5.66 -3.07 6.97
CA VAL A 237 5.68 -4.52 6.75
C VAL A 237 5.40 -5.28 8.04
N VAL A 238 5.99 -4.85 9.16
CA VAL A 238 5.77 -5.45 10.48
C VAL A 238 4.30 -5.31 10.88
N LEU A 239 3.73 -4.10 10.69
CA LEU A 239 2.33 -3.87 11.00
C LEU A 239 1.43 -4.75 10.12
N ALA A 240 1.78 -4.89 8.83
CA ALA A 240 1.01 -5.74 7.93
C ALA A 240 1.05 -7.20 8.39
N VAL A 241 2.25 -7.74 8.68
CA VAL A 241 2.41 -9.12 9.12
C VAL A 241 1.62 -9.37 10.41
N VAL A 242 1.67 -8.44 11.38
CA VAL A 242 0.97 -8.52 12.67
C VAL A 242 -0.55 -8.46 12.47
N ILE A 243 -1.05 -7.46 11.73
CA ILE A 243 -2.50 -7.29 11.52
C ILE A 243 -3.12 -8.54 10.87
N PHE A 244 -2.53 -9.02 9.76
CA PHE A 244 -3.03 -10.19 9.05
C PHE A 244 -2.84 -11.50 9.83
N SER A 245 -1.69 -11.71 10.52
CA SER A 245 -1.48 -12.90 11.36
C SER A 245 -2.54 -12.96 12.47
N VAL A 246 -2.80 -11.82 13.14
CA VAL A 246 -3.73 -11.78 14.25
C VAL A 246 -5.18 -11.89 13.79
N LEU A 247 -5.58 -11.11 12.77
CA LEU A 247 -6.97 -11.02 12.35
C LEU A 247 -7.43 -12.13 11.39
N PHE A 248 -6.56 -12.60 10.49
CA PHE A 248 -6.95 -13.64 9.54
C PHE A 248 -6.80 -15.06 10.05
N THR A 249 -5.91 -15.32 11.01
CA THR A 249 -5.66 -16.69 11.47
C THR A 249 -6.87 -17.33 12.14
N PRO A 250 -7.57 -16.70 13.14
CA PRO A 250 -8.72 -17.40 13.76
C PRO A 250 -9.79 -17.76 12.74
N TYR A 251 -10.08 -16.84 11.80
CA TYR A 251 -11.07 -17.07 10.75
C TYR A 251 -10.69 -18.21 9.79
N HIS A 252 -9.42 -18.27 9.36
CA HIS A 252 -8.98 -19.32 8.47
C HIS A 252 -8.93 -20.67 9.18
N ILE A 253 -8.57 -20.70 10.47
CA ILE A 253 -8.62 -21.96 11.21
C ILE A 253 -10.09 -22.44 11.29
N MET A 254 -11.00 -21.56 11.75
CA MET A 254 -12.42 -21.90 11.98
C MET A 254 -13.21 -22.20 10.71
N ARG A 255 -12.91 -21.54 9.58
CA ARG A 255 -13.63 -21.86 8.33
C ARG A 255 -13.31 -23.32 7.95
N ASN A 256 -12.03 -23.71 8.03
CA ASN A 256 -11.55 -25.03 7.73
C ASN A 256 -12.05 -26.08 8.75
N VAL A 257 -12.09 -25.71 10.05
CA VAL A 257 -12.57 -26.60 11.11
C VAL A 257 -14.09 -26.83 10.96
N ARG A 258 -14.84 -25.75 10.59
CA ARG A 258 -16.27 -25.81 10.35
C ARG A 258 -16.58 -26.84 9.25
N ILE A 259 -15.82 -26.78 8.13
CA ILE A 259 -16.02 -27.71 7.01
C ILE A 259 -15.65 -29.14 7.41
N ALA A 260 -14.45 -29.33 8.01
CA ALA A 260 -13.91 -30.63 8.44
C ALA A 260 -14.87 -31.36 9.41
N SER A 261 -15.49 -30.62 10.36
CA SER A 261 -16.49 -31.17 11.29
C SER A 261 -17.73 -31.73 10.58
N ARG A 262 -17.98 -31.32 9.32
CA ARG A 262 -19.13 -31.79 8.55
C ARG A 262 -18.81 -33.06 7.75
N LEU A 263 -17.55 -33.53 7.77
CA LEU A 263 -17.16 -34.74 7.01
C LEU A 263 -17.77 -36.01 7.59
N GLY A 269 -25.00 -32.93 15.74
CA GLY A 269 -24.33 -33.00 17.04
C GLY A 269 -24.03 -31.65 17.64
N CYS A 270 -23.85 -31.60 18.98
CA CYS A 270 -23.56 -30.34 19.69
C CYS A 270 -22.17 -29.76 19.34
N SER A 271 -21.19 -30.63 19.06
CA SER A 271 -19.83 -30.28 18.67
C SER A 271 -19.86 -29.41 17.41
N GLN A 272 -20.69 -29.79 16.41
CA GLN A 272 -20.89 -29.09 15.14
C GLN A 272 -21.44 -27.68 15.37
N LYS A 273 -22.48 -27.54 16.23
CA LYS A 273 -23.06 -26.23 16.56
C LYS A 273 -22.11 -25.38 17.38
N ALA A 274 -21.29 -26.02 18.23
CA ALA A 274 -20.29 -25.30 19.03
C ALA A 274 -19.18 -24.74 18.14
N ILE A 275 -18.73 -25.53 17.14
CA ILE A 275 -17.72 -25.10 16.18
C ILE A 275 -18.27 -23.94 15.31
N ASN A 276 -19.55 -24.02 14.91
CA ASN A 276 -20.19 -22.97 14.14
C ASN A 276 -20.22 -21.64 14.90
N CYS A 277 -20.43 -21.69 16.23
CA CYS A 277 -20.42 -20.54 17.13
C CYS A 277 -19.04 -19.93 17.18
N LEU A 278 -17.98 -20.75 17.30
CA LEU A 278 -16.59 -20.27 17.26
C LEU A 278 -16.32 -19.62 15.91
N TYR A 279 -16.82 -20.24 14.81
CA TYR A 279 -16.64 -19.74 13.46
C TYR A 279 -17.29 -18.37 13.27
N ILE A 280 -18.53 -18.19 13.78
CA ILE A 280 -19.27 -16.92 13.74
C ILE A 280 -18.44 -15.81 14.39
N LEU A 281 -17.83 -16.11 15.54
CA LEU A 281 -17.00 -15.15 16.30
C LEU A 281 -15.82 -14.59 15.51
N THR A 282 -15.16 -15.45 14.70
CA THR A 282 -13.97 -15.09 13.93
C THR A 282 -14.20 -14.22 12.70
N ARG A 283 -15.41 -14.25 12.14
CA ARG A 283 -15.71 -13.54 10.88
C ARG A 283 -15.56 -12.02 10.99
N PRO A 284 -16.25 -11.28 11.89
CA PRO A 284 -15.99 -9.84 11.98
C PRO A 284 -14.56 -9.48 12.45
N LEU A 285 -13.88 -10.41 13.17
CA LEU A 285 -12.48 -10.20 13.57
C LEU A 285 -11.57 -10.11 12.32
N ALA A 286 -11.77 -11.01 11.31
CA ALA A 286 -10.98 -10.91 10.05
C ALA A 286 -11.28 -9.57 9.33
N PHE A 287 -12.55 -9.14 9.29
CA PHE A 287 -12.97 -7.90 8.59
C PHE A 287 -12.68 -6.61 9.34
N LEU A 288 -12.11 -6.71 10.57
CA LEU A 288 -11.69 -5.54 11.34
C LEU A 288 -10.54 -4.90 10.55
N ASN A 289 -9.82 -5.74 9.77
CA ASN A 289 -8.77 -5.34 8.82
C ASN A 289 -9.24 -4.16 7.92
N SER A 290 -10.44 -4.27 7.33
CA SER A 290 -11.01 -3.26 6.43
C SER A 290 -11.34 -1.95 7.08
N ALA A 291 -11.50 -1.97 8.43
CA ALA A 291 -11.74 -0.77 9.20
C ALA A 291 -10.42 -0.14 9.67
N VAL A 292 -9.35 -0.95 9.87
CA VAL A 292 -8.10 -0.39 10.38
C VAL A 292 -6.99 -0.20 9.32
N ASN A 293 -7.07 -0.86 8.16
CA ASN A 293 -5.99 -0.77 7.17
C ASN A 293 -5.84 0.65 6.53
N PRO A 294 -6.76 1.66 6.66
CA PRO A 294 -6.41 3.02 6.21
C PRO A 294 -5.18 3.59 6.96
N ILE A 295 -4.75 2.96 8.09
CA ILE A 295 -3.55 3.39 8.85
C ILE A 295 -2.29 3.32 7.96
N PHE A 296 -2.29 2.39 6.99
CA PHE A 296 -1.16 2.20 6.10
C PHE A 296 -0.84 3.44 5.24
N TYR A 297 -1.84 4.33 5.01
CA TYR A 297 -1.65 5.60 4.27
C TYR A 297 -0.65 6.49 4.97
N PHE A 298 -0.47 6.30 6.28
CA PHE A 298 0.40 7.12 7.11
C PHE A 298 1.76 6.46 7.34
N LEU A 299 2.02 5.35 6.65
CA LEU A 299 3.30 4.65 6.86
C LEU A 299 4.16 4.58 5.61
N VAL A 300 3.92 5.48 4.63
CA VAL A 300 4.67 5.46 3.36
C VAL A 300 5.60 6.70 3.22
N GLY A 301 5.97 7.29 4.37
CA GLY A 301 6.97 8.36 4.50
C GLY A 301 6.78 9.68 3.78
N ASP A 302 5.57 9.98 3.32
CA ASP A 302 5.26 11.18 2.56
C ASP A 302 4.69 12.32 3.40
N HIS A 303 4.49 12.10 4.74
CA HIS A 303 3.89 13.07 5.67
C HIS A 303 2.46 13.42 5.19
N PHE A 304 1.72 12.41 4.76
CA PHE A 304 0.32 12.56 4.33
C PHE A 304 -0.56 13.08 5.46
N ARG A 305 -0.31 12.65 6.73
CA ARG A 305 -1.07 13.10 7.90
C ARG A 305 -0.97 14.61 7.99
N ASP A 306 0.25 15.15 7.81
CA ASP A 306 0.54 16.58 7.85
C ASP A 306 -0.12 17.24 6.63
N MET A 307 -0.07 16.58 5.45
CA MET A 307 -0.70 17.09 4.22
C MET A 307 -2.24 17.20 4.36
N LEU A 308 -2.86 16.25 5.10
CA LEU A 308 -4.31 16.20 5.35
C LEU A 308 -4.78 17.41 6.17
N PHE A 309 -3.99 17.78 7.21
CA PHE A 309 -4.26 18.89 8.13
C PHE A 309 -4.15 20.24 7.46
N SER A 310 -3.20 20.39 6.51
CA SER A 310 -2.99 21.62 5.73
C SER A 310 -4.24 22.01 4.94
N LYS A 311 -4.91 21.01 4.32
CA LYS A 311 -6.14 21.18 3.53
C LYS A 311 -7.37 21.46 4.38
N LEU A 312 -7.47 20.85 5.59
CA LEU A 312 -8.60 21.01 6.51
C LEU A 312 -8.72 22.44 7.06
N GLU B 9 11.14 29.22 5.26
CA GLU B 9 11.05 30.08 4.08
C GLU B 9 12.43 30.25 3.41
N VAL B 10 12.69 29.51 2.32
CA VAL B 10 13.98 29.62 1.61
C VAL B 10 13.81 29.83 0.10
N GLN B 11 14.81 30.46 -0.53
CA GLN B 11 14.93 30.71 -1.97
C GLN B 11 16.24 30.04 -2.41
N LEU B 12 16.25 29.36 -3.57
CA LEU B 12 17.41 28.64 -4.09
C LEU B 12 17.91 29.18 -5.39
N VAL B 13 19.23 29.18 -5.57
CA VAL B 13 19.89 29.58 -6.81
C VAL B 13 20.96 28.54 -7.09
N GLU B 14 20.88 27.88 -8.26
CA GLU B 14 21.91 26.93 -8.70
C GLU B 14 22.97 27.72 -9.45
N SER B 15 24.23 27.30 -9.33
CA SER B 15 25.34 27.89 -10.06
C SER B 15 26.39 26.83 -10.41
N GLY B 16 27.27 27.17 -11.34
CA GLY B 16 28.35 26.29 -11.77
C GLY B 16 28.20 25.67 -13.13
N GLY B 17 27.06 25.93 -13.79
CA GLY B 17 26.80 25.39 -15.13
C GLY B 17 27.84 25.84 -16.14
N GLY B 18 28.19 24.98 -17.09
CA GLY B 18 29.24 25.32 -18.05
C GLY B 18 29.42 24.27 -19.11
N LEU B 19 30.52 24.37 -19.88
CA LEU B 19 30.88 23.48 -20.97
C LEU B 19 31.98 22.56 -20.50
N VAL B 20 31.75 21.25 -20.66
CA VAL B 20 32.65 20.18 -20.22
C VAL B 20 32.98 19.28 -21.42
N GLN B 21 34.23 18.83 -21.52
CA GLN B 21 34.60 17.87 -22.57
C GLN B 21 34.20 16.46 -22.04
N PRO B 22 33.81 15.46 -22.90
CA PRO B 22 33.46 14.14 -22.38
C PRO B 22 34.57 13.57 -21.51
N GLY B 23 34.19 13.10 -20.33
CA GLY B 23 35.14 12.60 -19.36
C GLY B 23 35.56 13.64 -18.34
N GLY B 24 35.16 14.88 -18.57
CA GLY B 24 35.47 16.00 -17.69
C GLY B 24 34.59 16.06 -16.45
N SER B 25 34.95 16.95 -15.51
CA SER B 25 34.32 17.18 -14.22
C SER B 25 33.78 18.59 -14.09
N LEU B 26 32.81 18.77 -13.21
CA LEU B 26 32.18 20.05 -12.95
C LEU B 26 31.50 20.01 -11.57
N ARG B 27 31.58 21.10 -10.81
CA ARG B 27 30.92 21.18 -9.51
C ARG B 27 29.81 22.21 -9.56
N LEU B 28 28.59 21.80 -9.19
CA LEU B 28 27.47 22.73 -9.10
C LEU B 28 27.24 23.10 -7.65
N SER B 29 26.63 24.26 -7.42
CA SER B 29 26.28 24.73 -6.08
C SER B 29 24.82 25.08 -6.04
N CYS B 30 24.18 24.81 -4.93
CA CYS B 30 22.79 25.16 -4.69
C CYS B 30 22.87 26.01 -3.45
N GLU B 31 22.67 27.32 -3.61
CA GLU B 31 22.77 28.28 -2.51
C GLU B 31 21.40 28.71 -2.08
N ALA B 32 21.21 28.78 -0.77
CA ALA B 32 19.93 29.16 -0.18
C ALA B 32 19.96 30.49 0.52
N SER B 33 18.83 31.21 0.43
CA SER B 33 18.59 32.49 1.07
C SER B 33 17.37 32.29 1.97
N GLY B 34 17.52 32.66 3.24
CA GLY B 34 16.47 32.50 4.24
C GLY B 34 17.04 32.24 5.62
N TYR B 35 16.16 32.05 6.63
CA TYR B 35 16.54 31.82 8.04
C TYR B 35 17.58 30.71 8.24
N THR B 36 17.25 29.43 7.89
CA THR B 36 18.15 28.28 8.05
C THR B 36 17.87 27.14 7.04
N LEU B 37 18.92 26.41 6.66
CA LEU B 37 18.89 25.27 5.73
C LEU B 37 19.00 23.92 6.49
N ALA B 38 19.45 23.97 7.75
CA ALA B 38 19.67 22.81 8.62
C ALA B 38 18.64 21.69 8.52
N ASN B 39 17.33 22.03 8.65
CA ASN B 39 16.22 21.08 8.65
C ASN B 39 15.70 20.69 7.26
N TYR B 40 16.34 21.17 6.18
CA TYR B 40 15.92 20.86 4.81
C TYR B 40 16.68 19.71 4.18
N ALA B 41 15.98 18.94 3.35
CA ALA B 41 16.59 17.93 2.48
C ALA B 41 16.73 18.66 1.17
N ILE B 42 17.84 18.39 0.47
CA ILE B 42 18.13 19.02 -0.81
C ILE B 42 18.36 17.94 -1.83
N GLY B 43 17.62 18.00 -2.90
CA GLY B 43 17.73 17.06 -4.01
C GLY B 43 18.15 17.78 -5.26
N TRP B 44 18.90 17.09 -6.11
CA TRP B 44 19.34 17.58 -7.40
C TRP B 44 18.62 16.77 -8.42
N PHE B 45 18.07 17.47 -9.39
CA PHE B 45 17.27 16.93 -10.48
C PHE B 45 17.83 17.51 -11.78
N ARG B 46 17.53 16.87 -12.89
CA ARG B 46 17.99 17.36 -14.18
C ARG B 46 16.93 17.11 -15.23
N GLN B 47 16.89 17.97 -16.24
CA GLN B 47 15.95 17.81 -17.32
C GLN B 47 16.65 18.12 -18.64
N ALA B 48 16.74 17.10 -19.51
CA ALA B 48 17.33 17.19 -20.85
C ALA B 48 16.21 17.63 -21.80
N PRO B 49 16.50 18.33 -22.94
CA PRO B 49 15.37 18.79 -23.80
C PRO B 49 14.57 17.63 -24.39
N GLY B 50 13.25 17.70 -24.22
CA GLY B 50 12.30 16.70 -24.67
C GLY B 50 12.12 15.50 -23.74
N LYS B 51 12.86 15.48 -22.62
CA LYS B 51 12.82 14.39 -21.64
C LYS B 51 12.16 14.83 -20.33
N GLU B 52 11.72 13.85 -19.54
CA GLU B 52 11.13 14.10 -18.23
C GLU B 52 12.24 14.46 -17.21
N ARG B 53 11.87 15.20 -16.17
CA ARG B 53 12.78 15.56 -15.10
C ARG B 53 13.15 14.27 -14.34
N GLU B 54 14.43 14.12 -13.97
CA GLU B 54 14.86 12.95 -13.23
C GLU B 54 15.78 13.34 -12.08
N GLY B 55 15.55 12.73 -10.92
CA GLY B 55 16.41 12.94 -9.75
C GLY B 55 17.76 12.32 -10.00
N VAL B 56 18.81 12.92 -9.45
CA VAL B 56 20.16 12.37 -9.61
C VAL B 56 20.81 12.09 -8.27
N SER B 57 20.54 12.95 -7.28
CA SER B 57 21.18 12.83 -5.99
C SER B 57 20.40 13.62 -4.98
N CYS B 58 20.43 13.19 -3.73
CA CYS B 58 19.65 13.81 -2.66
C CYS B 58 20.40 13.68 -1.35
N ILE B 59 20.31 14.73 -0.53
CA ILE B 59 20.92 14.76 0.79
C ILE B 59 19.86 15.13 1.83
N SER B 60 19.70 14.28 2.85
CA SER B 60 18.74 14.52 3.92
C SER B 60 19.31 15.57 4.91
N SER B 61 18.45 16.07 5.83
CA SER B 61 18.89 17.01 6.87
C SER B 61 19.86 16.34 7.88
N GLY B 62 19.76 15.01 8.01
CA GLY B 62 20.63 14.20 8.85
C GLY B 62 21.98 13.89 8.20
N GLY B 63 22.13 14.22 6.91
CA GLY B 63 23.36 14.02 6.15
C GLY B 63 23.45 12.76 5.30
N SER B 64 22.41 11.92 5.29
CA SER B 64 22.37 10.70 4.46
C SER B 64 22.27 11.08 2.99
N THR B 65 22.99 10.35 2.13
CA THR B 65 23.02 10.65 0.70
C THR B 65 22.51 9.49 -0.13
N VAL B 66 21.80 9.81 -1.21
CA VAL B 66 21.29 8.82 -2.15
C VAL B 66 21.61 9.26 -3.55
N TYR B 67 21.84 8.29 -4.43
CA TYR B 67 22.25 8.53 -5.82
C TYR B 67 21.47 7.67 -6.77
N SER B 68 21.11 8.21 -7.95
CA SER B 68 20.45 7.36 -8.93
C SER B 68 21.51 6.42 -9.50
N GLU B 69 21.07 5.30 -10.05
CA GLU B 69 21.94 4.29 -10.62
C GLU B 69 22.85 4.83 -11.71
N SER B 70 22.37 5.78 -12.52
CA SER B 70 23.17 6.36 -13.60
C SER B 70 24.34 7.26 -13.15
N VAL B 71 24.30 7.77 -11.88
CA VAL B 71 25.33 8.69 -11.43
C VAL B 71 26.10 8.18 -10.20
N LYS B 72 25.68 7.02 -9.65
CA LYS B 72 26.22 6.43 -8.42
C LYS B 72 27.77 6.34 -8.36
N ASP B 73 28.43 5.92 -9.43
CA ASP B 73 29.90 5.78 -9.39
C ASP B 73 30.66 7.06 -9.78
N ARG B 74 29.94 8.20 -9.94
CA ARG B 74 30.52 9.42 -10.46
C ARG B 74 30.23 10.71 -9.70
N PHE B 75 29.05 10.84 -9.09
CA PHE B 75 28.67 12.10 -8.42
C PHE B 75 28.81 12.00 -6.91
N THR B 76 29.03 13.15 -6.26
CA THR B 76 29.07 13.28 -4.81
C THR B 76 28.25 14.51 -4.42
N ILE B 77 27.28 14.32 -3.53
CA ILE B 77 26.47 15.41 -3.00
C ILE B 77 27.00 15.69 -1.59
N SER B 78 27.14 16.97 -1.24
CA SER B 78 27.59 17.36 0.11
C SER B 78 26.95 18.67 0.52
N ARG B 79 26.95 18.98 1.82
CA ARG B 79 26.33 20.20 2.32
C ARG B 79 27.14 20.91 3.36
N ASP B 80 27.03 22.24 3.37
CA ASP B 80 27.68 23.11 4.35
C ASP B 80 26.59 24.04 4.89
N ASN B 81 25.94 23.64 6.00
CA ASN B 81 24.87 24.42 6.62
C ASN B 81 25.32 25.82 7.06
N ALA B 82 26.63 26.02 7.38
CA ALA B 82 27.15 27.34 7.80
C ALA B 82 27.16 28.32 6.61
N LYS B 83 27.50 27.82 5.43
CA LYS B 83 27.49 28.59 4.18
C LYS B 83 26.11 28.44 3.47
N LYS B 84 25.22 27.59 4.02
CA LYS B 84 23.88 27.26 3.50
C LYS B 84 23.98 26.86 2.01
N ILE B 85 24.98 26.01 1.68
CA ILE B 85 25.25 25.56 0.32
C ILE B 85 25.24 24.03 0.23
N VAL B 86 24.72 23.53 -0.88
CA VAL B 86 24.77 22.11 -1.20
C VAL B 86 25.56 22.00 -2.50
N TYR B 87 26.57 21.14 -2.53
CA TYR B 87 27.38 20.93 -3.74
C TYR B 87 27.07 19.63 -4.40
N LEU B 88 27.20 19.62 -5.72
CA LEU B 88 27.11 18.40 -6.51
C LEU B 88 28.39 18.32 -7.30
N GLN B 89 29.31 17.45 -6.88
CA GLN B 89 30.56 17.21 -7.62
C GLN B 89 30.22 16.17 -8.69
N MET B 90 30.37 16.52 -9.97
CA MET B 90 30.02 15.60 -11.07
C MET B 90 31.27 15.19 -11.82
N ASN B 91 31.64 13.93 -11.71
CA ASN B 91 32.86 13.47 -12.38
C ASN B 91 32.50 12.61 -13.56
N SER B 92 33.43 12.49 -14.53
CA SER B 92 33.30 11.67 -15.72
C SER B 92 31.99 11.92 -16.47
N LEU B 93 31.74 13.18 -16.83
CA LEU B 93 30.51 13.58 -17.52
C LEU B 93 30.55 13.16 -18.98
N GLN B 94 29.41 12.77 -19.52
CA GLN B 94 29.32 12.34 -20.91
C GLN B 94 28.23 13.16 -21.61
N PRO B 95 28.19 13.22 -22.97
CA PRO B 95 27.12 14.00 -23.63
C PRO B 95 25.70 13.74 -23.12
N GLU B 96 25.39 12.49 -22.71
CA GLU B 96 24.08 12.09 -22.17
C GLU B 96 23.74 12.78 -20.83
N ASP B 97 24.73 13.42 -20.18
CA ASP B 97 24.54 14.18 -18.94
C ASP B 97 24.19 15.64 -19.18
N THR B 98 24.12 16.06 -20.47
CA THR B 98 23.73 17.42 -20.87
C THR B 98 22.28 17.64 -20.45
N ALA B 99 22.03 18.70 -19.67
CA ALA B 99 20.70 19.01 -19.13
C ALA B 99 20.76 20.26 -18.28
N VAL B 100 19.58 20.78 -17.94
CA VAL B 100 19.46 21.86 -16.98
C VAL B 100 19.36 21.11 -15.65
N TYR B 101 20.22 21.47 -14.70
CA TYR B 101 20.27 20.87 -13.38
C TYR B 101 19.59 21.82 -12.41
N TYR B 102 18.68 21.27 -11.60
CA TYR B 102 17.93 22.04 -10.61
C TYR B 102 18.11 21.43 -9.24
N CYS B 103 18.01 22.27 -8.22
CA CYS B 103 17.98 21.80 -6.85
C CYS B 103 16.62 22.17 -6.26
N ALA B 104 16.16 21.32 -5.36
CA ALA B 104 14.87 21.50 -4.70
C ALA B 104 15.05 21.29 -3.22
N ALA B 105 14.27 21.99 -2.41
CA ALA B 105 14.38 21.91 -0.96
C ALA B 105 13.09 21.39 -0.32
N ASP B 106 13.20 20.37 0.55
CA ASP B 106 12.06 19.79 1.29
C ASP B 106 12.17 20.21 2.75
N PRO B 107 11.20 20.95 3.33
CA PRO B 107 11.28 21.30 4.76
C PRO B 107 11.18 20.08 5.70
N PHE B 108 10.69 18.95 5.19
CA PHE B 108 10.64 17.69 5.95
C PHE B 108 11.95 16.99 5.58
N GLY B 109 13.00 17.32 6.34
CA GLY B 109 14.38 16.88 6.13
C GLY B 109 14.66 15.42 5.93
N GLU B 110 13.81 14.54 6.50
CA GLU B 110 14.01 13.09 6.34
C GLU B 110 13.01 12.49 5.33
N ARG B 111 12.28 13.35 4.58
CA ARG B 111 11.30 12.87 3.60
C ARG B 111 11.84 12.68 2.18
N LEU B 112 12.27 13.77 1.51
CA LEU B 112 12.64 13.78 0.09
C LEU B 112 13.46 12.56 -0.41
N CYS B 113 14.56 12.23 0.27
CA CYS B 113 15.50 11.20 -0.17
C CYS B 113 14.96 9.77 -0.11
N ILE B 114 13.78 9.56 0.51
CA ILE B 114 13.11 8.25 0.54
C ILE B 114 12.64 7.91 -0.89
N ASP B 115 12.09 8.90 -1.60
CA ASP B 115 11.48 8.68 -2.92
C ASP B 115 11.60 10.03 -3.69
N PRO B 116 12.83 10.42 -4.13
CA PRO B 116 13.00 11.78 -4.70
C PRO B 116 12.14 12.12 -5.91
N ASN B 117 11.95 11.18 -6.85
CA ASN B 117 11.15 11.42 -8.05
C ASN B 117 9.65 11.59 -7.77
N THR B 118 9.17 11.00 -6.68
CA THR B 118 7.77 11.16 -6.35
C THR B 118 7.61 12.40 -5.46
N PHE B 119 8.45 12.50 -4.41
CA PHE B 119 8.31 13.52 -3.38
C PHE B 119 8.68 14.92 -3.86
N ALA B 120 9.39 15.03 -5.01
CA ALA B 120 9.75 16.32 -5.62
C ALA B 120 8.49 17.05 -6.02
N GLY B 121 7.46 16.29 -6.38
CA GLY B 121 6.12 16.77 -6.75
C GLY B 121 5.41 17.53 -5.65
N TYR B 122 5.82 17.34 -4.37
CA TYR B 122 5.17 18.03 -3.24
C TYR B 122 5.86 19.34 -2.89
N LEU B 123 7.01 19.63 -3.53
CA LEU B 123 7.84 20.79 -3.22
C LEU B 123 7.51 22.04 -3.99
N GLU B 124 7.53 23.16 -3.27
CA GLU B 124 7.29 24.52 -3.75
C GLU B 124 8.63 25.27 -3.95
N THR B 125 9.73 24.78 -3.34
CA THR B 125 11.04 25.45 -3.36
C THR B 125 12.00 24.82 -4.34
N TRP B 126 12.21 25.52 -5.46
CA TRP B 126 13.07 25.10 -6.56
C TRP B 126 13.92 26.26 -6.99
N GLY B 127 15.10 25.95 -7.52
CA GLY B 127 15.94 26.96 -8.12
C GLY B 127 15.56 27.15 -9.58
N GLN B 128 16.21 28.07 -10.27
CA GLN B 128 15.96 28.42 -11.66
C GLN B 128 16.60 27.43 -12.66
N GLY B 129 17.58 26.67 -12.16
CA GLY B 129 18.33 25.69 -12.94
C GLY B 129 19.60 26.25 -13.53
N THR B 130 20.61 25.39 -13.73
CA THR B 130 21.86 25.76 -14.38
C THR B 130 22.16 24.73 -15.51
N GLN B 131 22.52 25.23 -16.69
CA GLN B 131 22.79 24.39 -17.85
C GLN B 131 24.16 23.72 -17.79
N VAL B 132 24.19 22.41 -17.92
CA VAL B 132 25.46 21.66 -18.00
C VAL B 132 25.51 21.11 -19.43
N THR B 133 26.58 21.44 -20.18
CA THR B 133 26.73 20.98 -21.56
C THR B 133 28.00 20.17 -21.67
N VAL B 134 27.85 18.92 -22.09
CA VAL B 134 28.98 18.01 -22.31
C VAL B 134 29.04 17.72 -23.80
N SER B 135 30.04 18.28 -24.45
CA SER B 135 30.22 18.14 -25.88
C SER B 135 31.71 18.11 -26.15
N SER B 136 32.15 17.35 -27.15
CA SER B 136 33.56 17.33 -27.54
C SER B 136 33.80 18.55 -28.44
N LEU B 137 35.06 19.04 -28.46
CA LEU B 137 35.62 20.19 -29.20
C LEU B 137 35.53 21.48 -28.40
#